data_1QLO
#
_entry.id   1QLO
#
_cell.length_a   1.000
_cell.length_b   1.000
_cell.length_c   1.000
_cell.angle_alpha   90.00
_cell.angle_beta   90.00
_cell.angle_gamma   90.00
#
_symmetry.space_group_name_H-M   'P 1'
#
_entity_poly.entity_id   1
_entity_poly.type   'polypeptide(L)'
_entity_poly.pdbx_seq_one_letter_code
;MSWALEMADTFLDNMRVGPRTYADVRDEINKRGR
;
_entity_poly.pdbx_strand_id   A
#
# COMPACT_ATOMS: atom_id res chain seq x y z
N MET A 1 18.37 0.69 10.24
CA MET A 1 17.13 0.50 11.05
C MET A 1 16.07 1.50 10.60
N SER A 2 16.20 2.74 10.98
CA SER A 2 15.19 3.76 10.58
C SER A 2 13.80 3.28 10.98
N TRP A 3 12.78 4.00 10.61
CA TRP A 3 11.40 3.59 10.98
C TRP A 3 10.75 2.84 9.80
N ALA A 4 11.39 1.83 9.27
CA ALA A 4 10.79 1.09 8.13
C ALA A 4 10.42 2.07 7.03
N LEU A 5 11.15 3.14 6.88
CA LEU A 5 10.82 4.13 5.82
C LEU A 5 11.05 3.51 4.43
N GLU A 6 12.21 2.95 4.20
CA GLU A 6 12.48 2.34 2.87
C GLU A 6 11.32 1.43 2.48
N MET A 7 10.63 0.88 3.45
CA MET A 7 9.47 -0.01 3.12
C MET A 7 8.23 0.86 2.89
N ALA A 8 8.06 1.89 3.67
CA ALA A 8 6.87 2.78 3.49
C ALA A 8 6.85 3.33 2.06
N ASP A 9 7.99 3.64 1.51
CA ASP A 9 8.02 4.18 0.12
C ASP A 9 7.46 3.13 -0.85
N THR A 10 8.03 1.96 -0.87
CA THR A 10 7.53 0.89 -1.79
C THR A 10 6.07 0.60 -1.46
N PHE A 11 5.62 0.97 -0.29
CA PHE A 11 4.20 0.71 0.08
C PHE A 11 3.30 1.70 -0.65
N LEU A 12 3.51 2.97 -0.45
CA LEU A 12 2.66 3.99 -1.13
C LEU A 12 2.79 3.80 -2.63
N ASP A 13 3.89 3.28 -3.08
CA ASP A 13 4.08 3.05 -4.55
C ASP A 13 3.10 1.98 -5.01
N ASN A 14 3.02 0.89 -4.30
CA ASN A 14 2.08 -0.19 -4.71
C ASN A 14 0.92 -0.26 -3.70
N MET A 15 0.50 0.86 -3.19
CA MET A 15 -0.61 0.87 -2.21
C MET A 15 -1.96 0.88 -2.95
N ARG A 16 -2.13 -0.02 -3.87
CA ARG A 16 -3.42 -0.07 -4.63
C ARG A 16 -4.38 -1.05 -3.95
N VAL A 17 -4.68 -0.83 -2.70
CA VAL A 17 -5.61 -1.75 -1.98
C VAL A 17 -4.97 -3.14 -1.88
N GLY A 18 -3.67 -3.22 -1.93
CA GLY A 18 -3.00 -4.54 -1.83
C GLY A 18 -3.23 -5.32 -3.13
N PRO A 19 -2.50 -6.41 -3.26
CA PRO A 19 -2.59 -7.28 -4.44
C PRO A 19 -3.84 -8.18 -4.36
N ARG A 20 -4.23 -8.78 -5.45
CA ARG A 20 -5.43 -9.65 -5.43
C ARG A 20 -5.08 -11.00 -6.06
N THR A 21 -4.52 -10.99 -7.24
CA THR A 21 -4.15 -12.27 -7.91
C THR A 21 -3.11 -12.01 -8.99
N TYR A 22 -2.48 -13.03 -9.49
CA TYR A 22 -1.44 -12.83 -10.55
C TYR A 22 -2.04 -13.03 -11.95
N ALA A 23 -2.99 -13.91 -12.11
CA ALA A 23 -3.57 -14.13 -13.47
C ALA A 23 -4.23 -12.85 -13.98
N ASP A 24 -4.86 -12.14 -13.09
CA ASP A 24 -5.54 -10.87 -13.51
C ASP A 24 -4.50 -9.77 -13.73
N VAL A 25 -3.95 -9.23 -12.69
CA VAL A 25 -2.94 -8.16 -12.84
C VAL A 25 -1.96 -8.54 -13.96
N ARG A 26 -1.70 -9.81 -14.13
CA ARG A 26 -0.74 -10.24 -15.20
C ARG A 26 -1.38 -10.03 -16.58
N ASP A 27 -2.60 -10.47 -16.76
CA ASP A 27 -3.23 -10.29 -18.10
C ASP A 27 -3.33 -8.81 -18.44
N GLU A 28 -3.18 -7.95 -17.47
CA GLU A 28 -3.27 -6.50 -17.74
C GLU A 28 -2.07 -6.07 -18.59
N ILE A 29 -0.93 -6.68 -18.39
CA ILE A 29 0.26 -6.31 -19.21
C ILE A 29 0.16 -6.94 -20.62
N ASN A 30 -1.02 -7.32 -21.02
CA ASN A 30 -1.21 -7.90 -22.38
C ASN A 30 -2.01 -6.91 -23.22
N LYS A 31 -3.24 -6.65 -22.85
CA LYS A 31 -4.06 -5.68 -23.62
C LYS A 31 -3.63 -4.25 -23.28
N ARG A 32 -2.99 -4.06 -22.16
CA ARG A 32 -2.56 -2.69 -21.77
C ARG A 32 -1.05 -2.55 -22.01
N GLY A 33 -0.57 -2.98 -23.13
CA GLY A 33 0.89 -2.88 -23.42
C GLY A 33 1.24 -1.42 -23.72
N ARG A 34 2.19 -1.21 -24.60
CA ARG A 34 2.58 0.19 -24.94
C ARG A 34 1.88 0.63 -26.22
N MET A 1 14.31 12.54 7.13
CA MET A 1 15.22 11.61 6.40
C MET A 1 15.56 10.42 7.30
N SER A 2 14.92 10.33 8.44
CA SER A 2 15.22 9.19 9.35
C SER A 2 13.90 8.57 9.83
N TRP A 3 13.49 7.49 9.24
CA TRP A 3 12.22 6.83 9.66
C TRP A 3 11.99 5.58 8.82
N ALA A 4 10.76 5.24 8.57
CA ALA A 4 10.47 4.03 7.75
C ALA A 4 10.07 4.45 6.34
N LEU A 5 10.63 5.53 5.84
CA LEU A 5 10.26 5.98 4.47
C LEU A 5 10.83 5.00 3.43
N GLU A 6 11.92 4.34 3.75
CA GLU A 6 12.51 3.38 2.79
C GLU A 6 11.53 2.24 2.51
N MET A 7 11.14 1.52 3.53
CA MET A 7 10.20 0.39 3.33
C MET A 7 8.82 0.93 2.92
N ALA A 8 8.32 1.90 3.63
CA ALA A 8 6.98 2.47 3.28
C ALA A 8 6.93 2.80 1.80
N ASP A 9 8.03 3.21 1.23
CA ASP A 9 8.05 3.55 -0.23
C ASP A 9 7.42 2.41 -1.03
N THR A 10 7.81 1.20 -0.75
CA THR A 10 7.25 0.04 -1.51
C THR A 10 5.76 -0.09 -1.24
N PHE A 11 5.33 0.14 -0.03
CA PHE A 11 3.87 0.02 0.29
C PHE A 11 3.11 1.18 -0.37
N LEU A 12 3.23 2.36 0.17
CA LEU A 12 2.51 3.53 -0.41
C LEU A 12 2.59 3.49 -1.93
N ASP A 13 3.74 3.20 -2.48
CA ASP A 13 3.89 3.16 -3.96
C ASP A 13 2.93 2.11 -4.54
N ASN A 14 3.08 0.88 -4.15
CA ASN A 14 2.19 -0.19 -4.69
C ASN A 14 0.74 0.27 -4.61
N MET A 15 0.43 1.15 -3.69
CA MET A 15 -0.97 1.64 -3.57
C MET A 15 -1.03 3.12 -3.94
N ARG A 16 -0.56 3.47 -5.10
CA ARG A 16 -0.59 4.89 -5.53
C ARG A 16 -2.03 5.29 -5.85
N VAL A 17 -2.92 4.35 -5.90
CA VAL A 17 -4.34 4.66 -6.21
C VAL A 17 -5.24 3.53 -5.71
N GLY A 18 -5.05 3.11 -4.49
CA GLY A 18 -5.88 2.01 -3.93
C GLY A 18 -7.35 2.43 -3.87
N PRO A 19 -7.59 3.57 -3.28
CA PRO A 19 -8.96 4.11 -3.14
C PRO A 19 -9.44 4.73 -4.45
N ARG A 20 -10.16 3.96 -5.23
CA ARG A 20 -10.68 4.49 -6.53
C ARG A 20 -11.94 3.70 -6.90
N THR A 21 -11.78 2.57 -7.53
CA THR A 21 -12.96 1.75 -7.90
C THR A 21 -13.24 0.75 -6.78
N TYR A 22 -14.48 0.60 -6.39
CA TYR A 22 -14.81 -0.36 -5.30
C TYR A 22 -16.21 -0.07 -4.73
N ALA A 23 -16.57 1.17 -4.58
CA ALA A 23 -17.92 1.48 -4.04
C ALA A 23 -18.99 0.89 -4.96
N ASP A 24 -19.28 1.58 -6.01
CA ASP A 24 -20.31 1.09 -6.98
C ASP A 24 -20.12 -0.40 -7.26
N VAL A 25 -18.99 -0.77 -7.81
CA VAL A 25 -18.75 -2.21 -8.12
C VAL A 25 -19.18 -3.07 -6.93
N ARG A 26 -18.85 -2.66 -5.74
CA ARG A 26 -19.25 -3.47 -4.55
C ARG A 26 -20.77 -3.56 -4.50
N ASP A 27 -21.49 -2.48 -4.35
CA ASP A 27 -22.99 -2.58 -4.31
C ASP A 27 -23.43 -3.61 -5.34
N GLU A 28 -22.64 -3.83 -6.37
CA GLU A 28 -22.95 -4.89 -7.32
C GLU A 28 -22.83 -6.16 -6.49
N ILE A 29 -23.91 -6.49 -5.86
CA ILE A 29 -23.95 -7.65 -4.89
C ILE A 29 -23.68 -7.08 -3.49
N ASN A 30 -24.42 -6.06 -3.05
CA ASN A 30 -24.16 -5.42 -1.75
C ASN A 30 -22.69 -5.55 -1.38
N LYS A 31 -21.86 -5.45 -2.39
CA LYS A 31 -20.36 -5.53 -2.23
C LYS A 31 -19.78 -6.81 -2.87
N ARG A 32 -20.06 -7.10 -4.12
CA ARG A 32 -19.45 -8.29 -4.75
C ARG A 32 -19.58 -8.14 -6.26
N GLY A 33 -19.76 -9.22 -6.95
CA GLY A 33 -19.89 -9.15 -8.44
C GLY A 33 -18.89 -8.16 -9.01
N ARG A 34 -17.64 -8.52 -9.08
CA ARG A 34 -16.61 -7.59 -9.62
C ARG A 34 -16.98 -7.20 -11.06
N MET A 1 3.68 6.03 13.22
CA MET A 1 3.82 5.00 14.28
C MET A 1 4.83 3.95 13.84
N SER A 2 4.44 3.07 12.95
CA SER A 2 5.39 2.02 12.48
C SER A 2 6.62 2.69 11.88
N TRP A 3 7.76 2.07 11.99
CA TRP A 3 9.00 2.67 11.43
C TRP A 3 9.30 2.04 10.06
N ALA A 4 10.53 2.05 9.65
CA ALA A 4 10.86 1.45 8.32
C ALA A 4 10.25 2.29 7.20
N LEU A 5 10.28 3.59 7.31
CA LEU A 5 9.69 4.43 6.23
C LEU A 5 10.38 4.12 4.90
N GLU A 6 11.64 3.76 4.94
CA GLU A 6 12.37 3.43 3.68
C GLU A 6 11.61 2.35 2.93
N MET A 7 11.25 1.29 3.60
CA MET A 7 10.49 0.20 2.92
C MET A 7 9.05 0.65 2.71
N ALA A 8 8.56 1.47 3.59
CA ALA A 8 7.17 1.97 3.46
C ALA A 8 6.98 2.66 2.11
N ASP A 9 8.01 3.28 1.59
CA ASP A 9 7.89 3.96 0.28
C ASP A 9 7.33 2.98 -0.76
N THR A 10 7.99 1.89 -0.96
CA THR A 10 7.49 0.89 -1.95
C THR A 10 6.02 0.60 -1.66
N PHE A 11 5.67 0.50 -0.40
CA PHE A 11 4.25 0.22 -0.05
C PHE A 11 3.38 1.33 -0.64
N LEU A 12 3.81 2.55 -0.54
CA LEU A 12 3.02 3.67 -1.11
C LEU A 12 2.87 3.45 -2.61
N ASP A 13 3.88 2.91 -3.23
CA ASP A 13 3.80 2.65 -4.70
C ASP A 13 2.70 1.62 -4.97
N ASN A 14 2.53 0.65 -4.11
CA ASN A 14 1.49 -0.38 -4.34
C ASN A 14 0.16 0.09 -3.73
N MET A 15 0.10 1.33 -3.31
CA MET A 15 -1.16 1.86 -2.73
C MET A 15 -1.99 2.51 -3.82
N ARG A 16 -2.32 1.76 -4.84
CA ARG A 16 -3.13 2.32 -5.96
C ARG A 16 -4.62 2.15 -5.65
N VAL A 17 -5.08 2.82 -4.63
CA VAL A 17 -6.53 2.75 -4.21
C VAL A 17 -6.70 1.76 -3.07
N GLY A 18 -5.67 1.05 -2.70
CA GLY A 18 -5.80 0.08 -1.58
C GLY A 18 -6.48 0.77 -0.40
N PRO A 19 -7.38 0.07 0.25
CA PRO A 19 -8.12 0.61 1.41
C PRO A 19 -7.25 0.59 2.67
N ARG A 20 -6.42 1.59 2.84
CA ARG A 20 -5.55 1.63 4.04
C ARG A 20 -5.96 2.84 4.90
N THR A 21 -5.01 3.51 5.51
CA THR A 21 -5.37 4.68 6.36
C THR A 21 -4.08 5.35 6.87
N TYR A 22 -4.21 6.32 7.73
CA TYR A 22 -3.02 7.02 8.27
C TYR A 22 -2.28 7.75 7.15
N ALA A 23 -2.87 7.82 5.98
CA ALA A 23 -2.19 8.52 4.86
C ALA A 23 -2.20 10.02 5.12
N ASP A 24 -3.24 10.49 5.73
CA ASP A 24 -3.34 11.94 6.04
C ASP A 24 -2.59 12.24 7.33
N VAL A 25 -2.90 11.53 8.38
CA VAL A 25 -2.20 11.76 9.68
C VAL A 25 -0.69 11.75 9.44
N ARG A 26 -0.20 10.78 8.72
CA ARG A 26 1.27 10.72 8.45
C ARG A 26 1.66 11.81 7.45
N ASP A 27 0.84 12.08 6.48
CA ASP A 27 1.18 13.14 5.49
C ASP A 27 1.18 14.50 6.18
N GLU A 28 0.62 14.59 7.36
CA GLU A 28 0.60 15.90 8.07
C GLU A 28 2.03 16.25 8.49
N ILE A 29 2.83 15.26 8.78
CA ILE A 29 4.24 15.54 9.18
C ILE A 29 5.09 15.99 7.98
N ASN A 30 4.47 16.31 6.88
CA ASN A 30 5.21 16.78 5.69
C ASN A 30 5.05 18.29 5.58
N LYS A 31 3.85 18.76 5.38
CA LYS A 31 3.61 20.22 5.29
C LYS A 31 3.86 20.83 6.67
N ARG A 32 3.74 20.06 7.70
CA ARG A 32 3.98 20.59 9.08
C ARG A 32 5.30 20.03 9.62
N GLY A 33 6.31 19.98 8.80
CA GLY A 33 7.62 19.44 9.27
C GLY A 33 8.75 20.01 8.41
N ARG A 34 8.54 21.16 7.82
CA ARG A 34 9.60 21.77 6.97
C ARG A 34 10.68 22.38 7.86
N MET A 1 14.66 6.69 3.71
CA MET A 1 15.11 7.96 4.34
C MET A 1 15.13 7.79 5.87
N SER A 2 14.77 6.63 6.36
CA SER A 2 14.78 6.42 7.83
C SER A 2 14.66 4.92 8.13
N TRP A 3 14.18 4.58 9.29
CA TRP A 3 14.03 3.14 9.66
C TRP A 3 13.02 2.46 8.74
N ALA A 4 11.78 2.42 9.12
CA ALA A 4 10.75 1.75 8.27
C ALA A 4 10.26 2.70 7.18
N LEU A 5 10.94 3.78 6.96
CA LEU A 5 10.49 4.72 5.89
C LEU A 5 10.93 4.20 4.53
N GLU A 6 12.18 3.86 4.40
CA GLU A 6 12.67 3.32 3.09
C GLU A 6 11.79 2.14 2.66
N MET A 7 11.20 1.47 3.60
CA MET A 7 10.33 0.31 3.26
C MET A 7 8.91 0.80 2.97
N ALA A 8 8.44 1.73 3.75
CA ALA A 8 7.06 2.26 3.52
C ALA A 8 6.95 2.78 2.08
N ASP A 9 7.98 3.40 1.58
CA ASP A 9 7.93 3.94 0.19
C ASP A 9 7.40 2.86 -0.75
N THR A 10 7.90 1.65 -0.65
CA THR A 10 7.43 0.56 -1.55
C THR A 10 5.93 0.32 -1.31
N PHE A 11 5.49 0.41 -0.09
CA PHE A 11 4.05 0.18 0.19
C PHE A 11 3.21 1.24 -0.54
N LEU A 12 3.47 2.49 -0.29
CA LEU A 12 2.68 3.56 -0.98
C LEU A 12 2.83 3.42 -2.49
N ASP A 13 3.89 2.81 -2.94
CA ASP A 13 4.09 2.65 -4.41
C ASP A 13 2.89 1.94 -5.04
N ASN A 14 2.63 0.73 -4.63
CA ASN A 14 1.49 -0.02 -5.21
C ASN A 14 0.24 0.19 -4.35
N MET A 15 0.18 1.27 -3.63
CA MET A 15 -1.01 1.54 -2.78
C MET A 15 -1.91 2.55 -3.47
N ARG A 16 -1.91 2.57 -4.77
CA ARG A 16 -2.76 3.54 -5.50
C ARG A 16 -4.18 2.99 -5.61
N VAL A 17 -4.36 1.74 -5.31
CA VAL A 17 -5.73 1.15 -5.37
C VAL A 17 -6.55 1.59 -4.17
N GLY A 18 -5.89 2.09 -3.15
CA GLY A 18 -6.64 2.54 -1.94
C GLY A 18 -6.33 1.60 -0.77
N PRO A 19 -5.95 2.17 0.34
CA PRO A 19 -5.63 1.39 1.55
C PRO A 19 -6.92 0.97 2.27
N ARG A 20 -6.81 0.13 3.27
CA ARG A 20 -8.03 -0.31 4.01
C ARG A 20 -8.00 0.26 5.44
N THR A 21 -7.12 1.18 5.70
CA THR A 21 -7.03 1.76 7.06
C THR A 21 -8.29 2.58 7.35
N TYR A 22 -8.63 3.50 6.49
CA TYR A 22 -9.85 4.32 6.71
C TYR A 22 -10.03 5.25 5.50
N ALA A 23 -9.68 6.51 5.64
CA ALA A 23 -9.80 7.49 4.50
C ALA A 23 -10.87 7.05 3.51
N ASP A 24 -10.49 6.25 2.56
CA ASP A 24 -11.46 5.76 1.56
C ASP A 24 -12.60 5.02 2.27
N VAL A 25 -12.30 3.95 2.93
CA VAL A 25 -13.37 3.19 3.66
C VAL A 25 -14.11 4.15 4.60
N ARG A 26 -13.44 5.17 5.06
CA ARG A 26 -14.10 6.14 5.98
C ARG A 26 -15.24 6.85 5.24
N ASP A 27 -14.99 7.31 4.05
CA ASP A 27 -16.05 8.01 3.27
C ASP A 27 -17.11 7.00 2.83
N GLU A 28 -16.74 5.75 2.75
CA GLU A 28 -17.74 4.72 2.34
C GLU A 28 -18.82 4.62 3.42
N ILE A 29 -18.46 4.83 4.66
CA ILE A 29 -19.49 4.75 5.73
C ILE A 29 -20.33 6.04 5.76
N ASN A 30 -20.34 6.77 4.68
CA ASN A 30 -21.14 8.01 4.60
C ASN A 30 -22.32 7.77 3.65
N LYS A 31 -22.04 7.55 2.40
CA LYS A 31 -23.14 7.29 1.42
C LYS A 31 -23.58 5.83 1.53
N ARG A 32 -22.76 4.98 2.12
CA ARG A 32 -23.13 3.54 2.24
C ARG A 32 -23.72 3.05 0.91
N GLY A 33 -23.18 3.51 -0.18
CA GLY A 33 -23.70 3.05 -1.51
C GLY A 33 -25.17 3.45 -1.64
N ARG A 34 -25.49 4.28 -2.59
CA ARG A 34 -26.91 4.70 -2.77
C ARG A 34 -27.14 5.08 -4.24
N MET A 1 14.69 15.16 4.40
CA MET A 1 15.42 14.22 5.28
C MET A 1 15.09 12.78 4.86
N SER A 2 13.92 12.30 5.21
CA SER A 2 13.55 10.91 4.83
C SER A 2 12.34 10.46 5.65
N TRP A 3 11.16 10.83 5.22
CA TRP A 3 9.93 10.41 5.97
C TRP A 3 9.82 8.89 5.93
N ALA A 4 8.62 8.37 5.93
CA ALA A 4 8.46 6.89 5.89
C ALA A 4 8.30 6.44 4.44
N LEU A 5 8.85 7.18 3.51
CA LEU A 5 8.73 6.78 2.09
C LEU A 5 9.71 5.66 1.78
N GLU A 6 10.69 5.45 2.60
CA GLU A 6 11.68 4.37 2.35
C GLU A 6 11.00 3.01 2.55
N MET A 7 10.55 2.73 3.74
CA MET A 7 9.88 1.42 4.01
C MET A 7 8.47 1.42 3.40
N ALA A 8 7.76 2.51 3.55
CA ALA A 8 6.37 2.58 3.01
C ALA A 8 6.37 2.49 1.48
N ASP A 9 7.40 2.95 0.82
CA ASP A 9 7.38 2.90 -0.67
C ASP A 9 7.50 1.45 -1.18
N THR A 10 8.35 0.65 -0.57
CA THR A 10 8.49 -0.78 -1.02
C THR A 10 7.29 -1.62 -0.55
N PHE A 11 6.11 -1.17 -0.84
CA PHE A 11 4.86 -1.85 -0.44
C PHE A 11 3.74 -0.88 -0.81
N LEU A 12 3.66 0.21 -0.09
CA LEU A 12 2.65 1.26 -0.40
C LEU A 12 3.11 2.10 -1.61
N ASP A 13 4.06 1.62 -2.38
CA ASP A 13 4.57 2.42 -3.55
C ASP A 13 3.43 3.10 -4.31
N ASN A 14 2.54 2.35 -4.90
CA ASN A 14 1.42 2.98 -5.67
C ASN A 14 0.14 2.96 -4.82
N MET A 15 0.30 2.95 -3.54
CA MET A 15 -0.89 2.95 -2.65
C MET A 15 -0.58 3.80 -1.40
N ARG A 16 -0.70 5.10 -1.52
CA ARG A 16 -0.40 5.98 -0.37
C ARG A 16 -1.07 5.45 0.89
N VAL A 17 -2.36 5.30 0.84
CA VAL A 17 -3.12 4.80 2.02
C VAL A 17 -2.76 3.33 2.29
N GLY A 18 -2.26 2.64 1.32
CA GLY A 18 -1.90 1.22 1.50
C GLY A 18 -3.11 0.44 2.02
N PRO A 19 -3.02 -0.86 1.98
CA PRO A 19 -4.09 -1.75 2.45
C PRO A 19 -4.11 -1.81 3.98
N ARG A 20 -5.27 -1.87 4.57
CA ARG A 20 -5.35 -1.93 6.05
C ARG A 20 -5.92 -3.29 6.49
N THR A 21 -6.46 -4.03 5.58
CA THR A 21 -7.03 -5.37 5.93
C THR A 21 -6.28 -6.46 5.19
N TYR A 22 -6.81 -7.66 5.18
CA TYR A 22 -6.11 -8.77 4.46
C TYR A 22 -7.07 -9.95 4.27
N ALA A 23 -7.63 -10.47 5.33
CA ALA A 23 -8.56 -11.63 5.18
C ALA A 23 -9.47 -11.44 3.96
N ASP A 24 -9.92 -10.25 3.77
CA ASP A 24 -10.82 -9.97 2.61
C ASP A 24 -10.00 -9.88 1.32
N VAL A 25 -9.00 -9.03 1.30
CA VAL A 25 -8.17 -8.90 0.07
C VAL A 25 -7.86 -10.30 -0.48
N ARG A 26 -7.26 -11.13 0.32
CA ARG A 26 -6.94 -12.52 -0.14
C ARG A 26 -8.23 -13.28 -0.42
N ASP A 27 -9.27 -13.02 0.33
CA ASP A 27 -10.55 -13.74 0.09
C ASP A 27 -11.05 -13.46 -1.33
N GLU A 28 -10.66 -12.35 -1.88
CA GLU A 28 -11.11 -12.02 -3.26
C GLU A 28 -10.60 -13.09 -4.22
N ILE A 29 -9.46 -13.65 -3.94
CA ILE A 29 -8.90 -14.71 -4.84
C ILE A 29 -9.79 -15.97 -4.86
N ASN A 30 -10.90 -15.95 -4.21
CA ASN A 30 -11.79 -17.15 -4.21
C ASN A 30 -12.78 -17.03 -5.37
N LYS A 31 -13.60 -16.01 -5.37
CA LYS A 31 -14.59 -15.86 -6.49
C LYS A 31 -13.92 -15.22 -7.71
N ARG A 32 -12.76 -14.64 -7.54
CA ARG A 32 -12.09 -14.01 -8.70
C ARG A 32 -11.19 -15.03 -9.41
N GLY A 33 -11.70 -16.20 -9.66
CA GLY A 33 -10.88 -17.25 -10.34
C GLY A 33 -10.73 -16.89 -11.82
N ARG A 34 -11.64 -17.33 -12.64
CA ARG A 34 -11.55 -17.02 -14.10
C ARG A 34 -12.48 -15.84 -14.42
N MET A 1 4.92 7.68 14.36
CA MET A 1 6.11 6.99 13.77
C MET A 1 7.03 8.02 13.12
N SER A 2 7.89 7.59 12.22
CA SER A 2 8.82 8.55 11.56
C SER A 2 9.52 7.85 10.40
N TRP A 3 10.15 8.60 9.53
CA TRP A 3 10.87 7.97 8.38
C TRP A 3 10.04 6.81 7.81
N ALA A 4 8.90 7.07 7.22
CA ALA A 4 8.07 5.97 6.66
C ALA A 4 8.56 5.61 5.25
N LEU A 5 9.84 5.70 5.00
CA LEU A 5 10.37 5.37 3.65
C LEU A 5 10.38 3.85 3.48
N GLU A 6 10.36 3.11 4.56
CA GLU A 6 10.37 1.62 4.44
C GLU A 6 9.01 1.14 3.95
N MET A 7 7.95 1.67 4.49
CA MET A 7 6.59 1.26 4.04
C MET A 7 6.26 1.93 2.72
N ALA A 8 6.79 3.11 2.52
CA ALA A 8 6.54 3.91 1.26
C ALA A 8 7.37 3.45 0.05
N ASP A 9 8.50 2.82 0.25
CA ASP A 9 9.39 2.45 -0.88
C ASP A 9 8.63 2.15 -2.17
N THR A 10 9.20 1.26 -2.97
CA THR A 10 8.64 0.89 -4.33
C THR A 10 7.12 0.98 -4.29
N PHE A 11 6.64 2.19 -4.33
CA PHE A 11 5.18 2.41 -4.20
C PHE A 11 4.70 1.61 -3.00
N LEU A 12 5.62 1.21 -2.16
CA LEU A 12 5.25 0.48 -0.95
C LEU A 12 4.31 1.42 -0.24
N ASP A 13 4.42 2.70 -0.54
CA ASP A 13 3.49 3.70 0.08
C ASP A 13 2.04 3.27 -0.14
N ASN A 14 1.59 3.21 -1.36
CA ASN A 14 0.17 2.83 -1.62
C ASN A 14 0.11 1.49 -2.35
N MET A 15 1.00 0.58 -2.03
CA MET A 15 0.97 -0.75 -2.72
C MET A 15 0.12 -1.74 -1.91
N ARG A 16 -1.10 -1.39 -1.62
CA ARG A 16 -1.96 -2.32 -0.84
C ARG A 16 -2.28 -3.56 -1.68
N VAL A 17 -2.12 -3.46 -2.97
CA VAL A 17 -2.40 -4.62 -3.86
C VAL A 17 -1.11 -5.11 -4.51
N GLY A 18 0.02 -4.78 -3.94
CA GLY A 18 1.32 -5.21 -4.53
C GLY A 18 1.75 -6.58 -4.00
N PRO A 19 1.73 -6.73 -2.70
CA PRO A 19 2.15 -7.98 -2.05
C PRO A 19 1.05 -9.04 -2.10
N ARG A 20 1.17 -10.08 -1.32
CA ARG A 20 0.14 -11.16 -1.33
C ARG A 20 -1.06 -10.75 -0.48
N THR A 21 -1.11 -9.52 -0.04
CA THR A 21 -2.26 -9.08 0.79
C THR A 21 -3.52 -9.07 -0.08
N TYR A 22 -4.63 -9.52 0.45
CA TYR A 22 -5.88 -9.53 -0.37
C TYR A 22 -5.79 -10.65 -1.40
N ALA A 23 -4.74 -11.42 -1.36
CA ALA A 23 -4.61 -12.53 -2.35
C ALA A 23 -5.64 -13.60 -2.03
N ASP A 24 -5.97 -13.73 -0.79
CA ASP A 24 -6.97 -14.75 -0.36
C ASP A 24 -8.37 -14.29 -0.74
N VAL A 25 -8.89 -13.28 -0.09
CA VAL A 25 -10.26 -12.79 -0.42
C VAL A 25 -10.37 -12.60 -1.94
N ARG A 26 -9.41 -11.96 -2.54
CA ARG A 26 -9.47 -11.73 -4.01
C ARG A 26 -9.44 -13.06 -4.76
N ASP A 27 -8.76 -14.04 -4.23
CA ASP A 27 -8.69 -15.37 -4.93
C ASP A 27 -10.00 -16.13 -4.74
N GLU A 28 -10.73 -15.84 -3.71
CA GLU A 28 -12.01 -16.56 -3.47
C GLU A 28 -12.94 -16.31 -4.66
N ILE A 29 -12.91 -15.12 -5.21
CA ILE A 29 -13.78 -14.83 -6.38
C ILE A 29 -13.26 -15.50 -7.66
N ASN A 30 -12.43 -16.49 -7.51
CA ASN A 30 -11.89 -17.20 -8.69
C ASN A 30 -12.46 -18.63 -8.72
N LYS A 31 -12.15 -19.41 -7.72
CA LYS A 31 -12.68 -20.81 -7.69
C LYS A 31 -13.21 -21.14 -6.29
N ARG A 32 -13.79 -20.18 -5.61
CA ARG A 32 -14.32 -20.47 -4.25
C ARG A 32 -15.51 -21.44 -4.32
N GLY A 33 -15.92 -21.79 -5.50
CA GLY A 33 -17.06 -22.74 -5.64
C GLY A 33 -16.82 -23.96 -4.74
N ARG A 34 -17.71 -24.23 -3.83
CA ARG A 34 -17.53 -25.40 -2.93
C ARG A 34 -18.90 -25.92 -2.48
N MET A 1 11.22 15.26 8.76
CA MET A 1 11.09 14.28 9.87
C MET A 1 11.52 12.90 9.37
N SER A 2 12.73 12.50 9.66
CA SER A 2 13.19 11.16 9.21
C SER A 2 12.20 10.09 9.67
N TRP A 3 12.30 8.90 9.13
CA TRP A 3 11.36 7.83 9.54
C TRP A 3 11.65 6.55 8.74
N ALA A 4 10.74 5.63 8.74
CA ALA A 4 10.95 4.37 7.98
C ALA A 4 10.27 4.48 6.60
N LEU A 5 10.27 5.64 6.02
CA LEU A 5 9.63 5.81 4.68
C LEU A 5 10.46 5.09 3.62
N GLU A 6 11.74 4.95 3.83
CA GLU A 6 12.59 4.25 2.82
C GLU A 6 12.10 2.82 2.63
N MET A 7 11.33 2.32 3.56
CA MET A 7 10.82 0.93 3.43
C MET A 7 9.31 0.95 3.19
N ALA A 8 8.59 1.65 4.02
CA ALA A 8 7.11 1.71 3.85
C ALA A 8 6.76 2.18 2.43
N ASP A 9 7.59 2.99 1.84
CA ASP A 9 7.30 3.49 0.46
C ASP A 9 7.06 2.30 -0.48
N THR A 10 8.00 1.39 -0.54
CA THR A 10 7.84 0.22 -1.44
C THR A 10 6.40 -0.31 -1.34
N PHE A 11 5.80 -0.19 -0.20
CA PHE A 11 4.40 -0.68 -0.03
C PHE A 11 3.42 0.38 -0.56
N LEU A 12 3.67 1.62 -0.29
CA LEU A 12 2.76 2.70 -0.77
C LEU A 12 2.92 2.85 -2.28
N ASP A 13 3.82 2.11 -2.89
CA ASP A 13 4.01 2.22 -4.36
C ASP A 13 2.73 1.78 -5.08
N ASN A 14 2.07 0.77 -4.58
CA ASN A 14 0.81 0.30 -5.23
C ASN A 14 -0.37 1.10 -4.69
N MET A 15 -0.11 2.15 -3.98
CA MET A 15 -1.22 2.97 -3.42
C MET A 15 -0.94 4.45 -3.74
N ARG A 16 -1.15 4.83 -4.97
CA ARG A 16 -0.89 6.25 -5.37
C ARG A 16 -2.19 7.04 -5.31
N VAL A 17 -2.74 7.20 -4.14
CA VAL A 17 -4.01 7.98 -3.99
C VAL A 17 -5.22 7.09 -4.28
N GLY A 18 -5.07 5.80 -4.22
CA GLY A 18 -6.22 4.89 -4.50
C GLY A 18 -7.28 5.10 -3.42
N PRO A 19 -8.21 4.17 -3.35
CA PRO A 19 -9.31 4.22 -2.38
C PRO A 19 -8.81 3.79 -1.00
N ARG A 20 -9.50 4.19 0.05
CA ARG A 20 -9.08 3.82 1.44
C ARG A 20 -8.01 4.80 1.93
N THR A 21 -6.91 4.90 1.24
CA THR A 21 -5.82 5.84 1.67
C THR A 21 -5.37 5.49 3.10
N TYR A 22 -4.91 6.46 3.84
CA TYR A 22 -4.45 6.19 5.23
C TYR A 22 -5.05 7.20 6.19
N ALA A 23 -4.68 8.46 6.04
CA ALA A 23 -5.19 9.55 6.95
C ALA A 23 -6.50 9.15 7.63
N ASP A 24 -7.43 8.66 6.89
CA ASP A 24 -8.74 8.26 7.49
C ASP A 24 -8.55 7.10 8.47
N VAL A 25 -8.35 5.92 7.98
CA VAL A 25 -8.17 4.75 8.89
C VAL A 25 -7.22 5.12 10.05
N ARG A 26 -6.07 5.65 9.73
CA ARG A 26 -5.10 6.04 10.80
C ARG A 26 -5.81 6.86 11.88
N ASP A 27 -6.56 7.86 11.49
CA ASP A 27 -7.26 8.71 12.49
C ASP A 27 -8.21 7.87 13.35
N GLU A 28 -8.78 6.84 12.80
CA GLU A 28 -9.72 6.01 13.62
C GLU A 28 -8.95 5.39 14.78
N ILE A 29 -7.68 5.09 14.58
CA ILE A 29 -6.89 4.50 15.69
C ILE A 29 -6.50 5.60 16.70
N ASN A 30 -7.19 6.69 16.70
CA ASN A 30 -6.89 7.78 17.66
C ASN A 30 -7.97 7.79 18.75
N LYS A 31 -9.20 8.08 18.38
CA LYS A 31 -10.29 8.08 19.39
C LYS A 31 -11.50 7.33 18.85
N ARG A 32 -11.30 6.32 18.03
CA ARG A 32 -12.46 5.56 17.49
C ARG A 32 -13.24 4.95 18.65
N GLY A 33 -12.91 3.76 19.01
CA GLY A 33 -13.63 3.09 20.14
C GLY A 33 -14.20 1.75 19.65
N ARG A 34 -15.48 1.68 19.46
CA ARG A 34 -16.10 0.41 19.00
C ARG A 34 -15.89 0.26 17.49
N MET A 1 8.28 7.97 15.96
CA MET A 1 8.96 8.58 14.79
C MET A 1 8.34 8.04 13.50
N SER A 2 7.64 8.86 12.76
CA SER A 2 7.01 8.38 11.51
C SER A 2 8.06 7.68 10.64
N TRP A 3 8.19 6.39 10.80
CA TRP A 3 9.19 5.63 9.99
C TRP A 3 8.48 4.88 8.86
N ALA A 4 7.72 5.57 8.04
CA ALA A 4 7.01 4.87 6.94
C ALA A 4 7.86 4.93 5.66
N LEU A 5 9.16 4.94 5.80
CA LEU A 5 10.03 5.00 4.59
C LEU A 5 10.15 3.59 3.99
N GLU A 6 10.41 2.60 4.80
CA GLU A 6 10.53 1.23 4.26
C GLU A 6 9.18 0.76 3.72
N MET A 7 8.11 1.18 4.34
CA MET A 7 6.76 0.76 3.85
C MET A 7 6.36 1.61 2.63
N ALA A 8 6.75 2.85 2.62
CA ALA A 8 6.40 3.78 1.50
C ALA A 8 7.24 3.59 0.24
N ASP A 9 8.43 3.04 0.34
CA ASP A 9 9.34 2.94 -0.84
C ASP A 9 8.59 2.78 -2.16
N THR A 10 9.23 2.12 -3.10
CA THR A 10 8.70 1.92 -4.50
C THR A 10 7.20 1.82 -4.45
N PHE A 11 6.55 2.95 -4.31
CA PHE A 11 5.08 2.95 -4.16
C PHE A 11 4.73 1.90 -3.14
N LEU A 12 5.67 1.54 -2.32
CA LEU A 12 5.41 0.55 -1.30
C LEU A 12 4.40 1.21 -0.37
N ASP A 13 4.37 2.53 -0.39
CA ASP A 13 3.38 3.26 0.46
C ASP A 13 1.96 2.66 0.35
N ASN A 14 1.37 2.71 -0.83
CA ASN A 14 -0.02 2.16 -0.97
C ASN A 14 0.02 0.76 -1.57
N MET A 15 1.10 0.42 -2.22
CA MET A 15 1.21 -0.93 -2.84
C MET A 15 -0.13 -1.32 -3.48
N ARG A 16 -0.42 -0.80 -4.64
CA ARG A 16 -1.71 -1.13 -5.31
C ARG A 16 -1.56 -2.43 -6.10
N VAL A 17 -0.94 -3.42 -5.52
CA VAL A 17 -0.75 -4.71 -6.26
C VAL A 17 0.31 -4.54 -7.34
N GLY A 18 1.22 -3.63 -7.16
CA GLY A 18 2.28 -3.41 -8.19
C GLY A 18 3.62 -3.15 -7.49
N PRO A 19 4.06 -4.12 -6.73
CA PRO A 19 5.34 -4.02 -5.99
C PRO A 19 6.52 -4.29 -6.95
N ARG A 20 6.79 -3.38 -7.84
CA ARG A 20 7.92 -3.58 -8.79
C ARG A 20 7.66 -4.84 -9.62
N THR A 21 6.43 -5.28 -9.68
CA THR A 21 6.11 -6.50 -10.47
C THR A 21 4.62 -6.48 -10.84
N TYR A 22 4.30 -5.87 -11.96
CA TYR A 22 2.86 -5.80 -12.40
C TYR A 22 2.66 -4.64 -13.39
N ALA A 23 3.31 -3.53 -13.19
CA ALA A 23 3.11 -2.40 -14.14
C ALA A 23 3.32 -2.87 -15.58
N ASP A 24 4.28 -3.72 -15.76
CA ASP A 24 4.57 -4.24 -17.13
C ASP A 24 3.53 -5.28 -17.54
N VAL A 25 3.51 -6.42 -16.90
CA VAL A 25 2.52 -7.48 -17.26
C VAL A 25 1.16 -6.85 -17.57
N ARG A 26 0.78 -5.85 -16.82
CA ARG A 26 -0.52 -5.19 -17.07
C ARG A 26 -0.44 -4.34 -18.33
N ASP A 27 0.52 -3.43 -18.46
CA ASP A 27 0.62 -2.63 -19.75
C ASP A 27 0.27 -3.54 -20.91
N GLU A 28 0.52 -4.82 -20.76
CA GLU A 28 0.07 -5.74 -21.80
C GLU A 28 -1.43 -5.64 -21.71
N ILE A 29 -1.96 -4.75 -22.50
CA ILE A 29 -3.41 -4.39 -22.46
C ILE A 29 -3.48 -3.16 -21.56
N ASN A 30 -2.86 -2.05 -21.95
CA ASN A 30 -2.80 -0.82 -21.10
C ASN A 30 -3.11 -1.16 -19.65
N LYS A 31 -2.45 -2.20 -19.16
CA LYS A 31 -2.64 -2.64 -17.74
C LYS A 31 -3.49 -3.94 -17.63
N ARG A 32 -3.52 -4.81 -18.63
CA ARG A 32 -4.36 -6.03 -18.44
C ARG A 32 -3.62 -7.27 -18.95
N GLY A 33 -2.79 -7.87 -18.13
CA GLY A 33 -2.06 -9.09 -18.57
C GLY A 33 -2.80 -10.32 -18.05
N ARG A 34 -2.11 -11.43 -17.94
CA ARG A 34 -2.78 -12.66 -17.44
C ARG A 34 -1.79 -13.47 -16.60
N MET A 1 14.00 11.81 9.77
CA MET A 1 13.52 10.71 8.88
C MET A 1 12.00 10.71 8.85
N SER A 2 11.37 10.57 9.98
CA SER A 2 9.88 10.55 10.02
C SER A 2 9.37 9.20 9.50
N TRP A 3 10.26 8.27 9.27
CA TRP A 3 9.82 6.94 8.77
C TRP A 3 8.97 7.11 7.52
N ALA A 4 8.11 6.17 7.23
CA ALA A 4 7.24 6.28 6.02
C ALA A 4 8.03 5.84 4.78
N LEU A 5 9.31 5.64 4.92
CA LEU A 5 10.14 5.22 3.75
C LEU A 5 10.16 3.69 3.66
N GLU A 6 10.32 3.02 4.77
CA GLU A 6 10.36 1.54 4.76
C GLU A 6 8.95 1.00 4.44
N MET A 7 7.98 1.86 4.37
CA MET A 7 6.61 1.39 4.07
C MET A 7 6.15 1.95 2.73
N ALA A 8 6.51 3.18 2.43
CA ALA A 8 6.13 3.86 1.14
C ALA A 8 7.06 3.54 -0.07
N ASP A 9 8.30 3.22 0.14
CA ASP A 9 9.25 3.04 -1.00
C ASP A 9 8.62 2.36 -2.24
N THR A 10 9.38 1.45 -2.83
CA THR A 10 9.04 0.72 -4.08
C THR A 10 7.57 0.40 -4.16
N PHE A 11 6.76 1.37 -4.47
CA PHE A 11 5.29 1.15 -4.51
C PHE A 11 4.83 0.88 -3.10
N LEU A 12 5.71 0.93 -2.17
CA LEU A 12 5.34 0.69 -0.80
C LEU A 12 4.48 1.88 -0.40
N ASP A 13 4.50 2.92 -1.21
CA ASP A 13 3.66 4.12 -0.91
C ASP A 13 2.19 3.72 -0.92
N ASN A 14 1.68 3.28 -2.04
CA ASN A 14 0.25 2.87 -2.10
C ASN A 14 0.11 1.49 -1.47
N MET A 15 0.95 0.56 -1.85
CA MET A 15 0.88 -0.80 -1.26
C MET A 15 -0.57 -1.23 -1.08
N ARG A 16 -1.35 -1.20 -2.12
CA ARG A 16 -2.78 -1.61 -1.99
C ARG A 16 -2.95 -3.00 -2.61
N VAL A 17 -2.18 -3.96 -2.15
CA VAL A 17 -2.29 -5.33 -2.69
C VAL A 17 -1.63 -5.37 -4.08
N GLY A 18 -0.38 -5.01 -4.15
CA GLY A 18 0.33 -5.01 -5.46
C GLY A 18 0.16 -6.36 -6.15
N PRO A 19 1.13 -7.23 -5.96
CA PRO A 19 1.13 -8.57 -6.57
C PRO A 19 0.21 -9.52 -5.81
N ARG A 20 0.62 -9.95 -4.65
CA ARG A 20 -0.23 -10.89 -3.85
C ARG A 20 -0.24 -12.27 -4.52
N THR A 21 0.64 -12.49 -5.46
CA THR A 21 0.70 -13.82 -6.15
C THR A 21 2.05 -14.47 -5.90
N TYR A 22 2.20 -15.14 -4.79
CA TYR A 22 3.50 -15.80 -4.49
C TYR A 22 3.36 -17.32 -4.58
N ALA A 23 2.45 -17.89 -3.82
CA ALA A 23 2.30 -19.37 -3.88
C ALA A 23 2.27 -19.84 -5.34
N ASP A 24 1.76 -19.01 -6.19
CA ASP A 24 1.67 -19.36 -7.64
C ASP A 24 3.02 -19.17 -8.32
N VAL A 25 3.43 -17.94 -8.52
CA VAL A 25 4.74 -17.68 -9.20
C VAL A 25 5.77 -18.73 -8.75
N ARG A 26 5.89 -18.93 -7.48
CA ARG A 26 6.86 -19.94 -6.96
C ARG A 26 6.44 -21.32 -7.46
N ASP A 27 5.22 -21.80 -7.20
CA ASP A 27 4.82 -23.15 -7.75
C ASP A 27 5.40 -23.27 -9.13
N GLU A 28 5.57 -22.15 -9.79
CA GLU A 28 6.25 -22.16 -11.08
C GLU A 28 7.65 -22.62 -10.72
N ILE A 29 7.82 -23.90 -10.73
CA ILE A 29 9.08 -24.56 -10.27
C ILE A 29 8.84 -24.97 -8.81
N ASN A 30 7.86 -25.83 -8.55
CA ASN A 30 7.53 -26.22 -7.15
C ASN A 30 7.96 -25.15 -6.17
N LYS A 31 7.71 -23.91 -6.53
CA LYS A 31 8.06 -22.73 -5.65
C LYS A 31 9.19 -21.84 -6.24
N ARG A 32 9.50 -21.88 -7.53
CA ARG A 32 10.59 -20.98 -8.01
C ARG A 32 10.09 -20.18 -9.22
N GLY A 33 10.89 -20.05 -10.23
CA GLY A 33 10.45 -19.28 -11.44
C GLY A 33 10.29 -17.80 -11.07
N ARG A 34 10.96 -16.93 -11.76
CA ARG A 34 10.84 -15.47 -11.46
C ARG A 34 9.91 -14.82 -12.47
N MET A 1 1.86 6.67 12.27
CA MET A 1 3.02 6.19 11.47
C MET A 1 3.78 5.12 12.24
N SER A 2 4.64 4.39 11.59
CA SER A 2 5.41 3.32 12.30
C SER A 2 6.65 2.97 11.48
N TRP A 3 7.53 3.92 11.28
CA TRP A 3 8.78 3.67 10.50
C TRP A 3 8.51 2.66 9.38
N ALA A 4 7.60 2.95 8.48
CA ALA A 4 7.31 2.00 7.37
C ALA A 4 8.05 2.44 6.11
N LEU A 5 9.20 3.05 6.26
CA LEU A 5 9.95 3.50 5.05
C LEU A 5 10.05 2.32 4.07
N GLU A 6 9.99 1.11 4.56
CA GLU A 6 10.06 -0.06 3.64
C GLU A 6 8.81 -0.03 2.76
N MET A 7 7.66 0.08 3.36
CA MET A 7 6.41 0.13 2.57
C MET A 7 6.40 1.44 1.79
N ALA A 8 6.20 2.53 2.47
CA ALA A 8 6.17 3.87 1.81
C ALA A 8 7.19 3.96 0.68
N ASP A 9 8.26 3.19 0.68
CA ASP A 9 9.27 3.32 -0.41
C ASP A 9 8.58 3.70 -1.71
N THR A 10 9.26 3.64 -2.84
CA THR A 10 8.65 4.08 -4.17
C THR A 10 7.14 3.85 -4.10
N PHE A 11 6.47 4.75 -3.38
CA PHE A 11 5.01 4.59 -3.10
C PHE A 11 4.77 3.11 -2.90
N LEU A 12 5.75 2.48 -2.32
CA LEU A 12 5.69 1.05 -2.06
C LEU A 12 4.72 0.86 -0.91
N ASP A 13 4.48 1.92 -0.17
CA ASP A 13 3.52 1.78 0.99
C ASP A 13 2.19 1.21 0.47
N ASN A 14 1.53 1.93 -0.39
CA ASN A 14 0.23 1.45 -0.91
C ASN A 14 0.41 0.07 -1.56
N MET A 15 1.43 -0.08 -2.37
CA MET A 15 1.68 -1.40 -3.05
C MET A 15 0.36 -2.15 -3.27
N ARG A 16 -0.63 -1.47 -3.77
CA ARG A 16 -1.95 -2.12 -3.98
C ARG A 16 -1.97 -2.83 -5.33
N VAL A 17 -1.06 -3.73 -5.56
CA VAL A 17 -1.04 -4.47 -6.86
C VAL A 17 -0.49 -3.56 -7.95
N GLY A 18 0.57 -2.85 -7.68
CA GLY A 18 1.16 -1.94 -8.71
C GLY A 18 0.87 -0.49 -8.36
N PRO A 19 1.26 0.40 -9.24
CA PRO A 19 1.06 1.85 -9.05
C PRO A 19 -0.39 2.23 -9.37
N ARG A 20 -1.13 1.32 -9.95
CA ARG A 20 -2.55 1.63 -10.28
C ARG A 20 -3.38 0.36 -10.19
N THR A 21 -4.43 0.23 -10.98
CA THR A 21 -5.26 -1.00 -10.91
C THR A 21 -5.58 -1.49 -12.33
N TYR A 22 -5.54 -0.63 -13.30
CA TYR A 22 -5.85 -1.05 -14.69
C TYR A 22 -4.57 -1.21 -15.48
N ALA A 23 -3.60 -0.32 -15.34
CA ALA A 23 -2.37 -0.50 -16.15
C ALA A 23 -2.86 -0.73 -17.55
N ASP A 24 -3.81 0.10 -17.96
CA ASP A 24 -4.45 -0.03 -19.30
C ASP A 24 -5.20 -1.35 -19.29
N VAL A 25 -5.83 -1.64 -18.18
CA VAL A 25 -6.51 -2.96 -17.99
C VAL A 25 -5.53 -4.04 -18.46
N ARG A 26 -4.28 -3.65 -18.51
CA ARG A 26 -3.18 -4.54 -18.92
C ARG A 26 -2.76 -5.32 -17.71
N ASP A 27 -2.26 -4.65 -16.70
CA ASP A 27 -1.88 -5.40 -15.43
C ASP A 27 -2.97 -6.43 -15.18
N GLU A 28 -4.16 -6.16 -15.67
CA GLU A 28 -5.23 -7.14 -15.58
C GLU A 28 -4.71 -8.31 -16.40
N ILE A 29 -3.98 -9.15 -15.73
CA ILE A 29 -3.27 -10.29 -16.38
C ILE A 29 -1.86 -9.78 -16.67
N ASN A 30 -1.09 -9.42 -15.64
CA ASN A 30 0.27 -8.86 -15.82
C ASN A 30 0.40 -8.24 -17.20
N LYS A 31 -0.60 -7.50 -17.60
CA LYS A 31 -0.62 -6.83 -18.94
C LYS A 31 -1.52 -7.55 -19.95
N ARG A 32 -2.62 -8.18 -19.55
CA ARG A 32 -3.46 -8.85 -20.57
C ARG A 32 -4.95 -8.64 -20.25
N GLY A 33 -5.52 -7.57 -20.73
CA GLY A 33 -6.97 -7.32 -20.45
C GLY A 33 -7.84 -8.05 -21.47
N ARG A 34 -8.91 -7.44 -21.90
CA ARG A 34 -9.79 -8.10 -22.91
C ARG A 34 -10.40 -7.04 -23.83
N MET A 1 5.67 8.39 12.48
CA MET A 1 5.12 9.38 11.50
C MET A 1 5.95 9.34 10.21
N SER A 2 7.22 9.09 10.32
CA SER A 2 8.08 9.03 9.10
C SER A 2 9.21 8.02 9.33
N TRP A 3 8.87 6.79 9.60
CA TRP A 3 9.91 5.77 9.83
C TRP A 3 9.90 4.76 8.68
N ALA A 4 10.68 3.71 8.76
CA ALA A 4 10.69 2.69 7.68
C ALA A 4 10.62 3.38 6.31
N LEU A 5 11.26 4.51 6.15
CA LEU A 5 11.21 5.22 4.85
C LEU A 5 11.29 4.22 3.69
N GLU A 6 12.19 3.27 3.78
CA GLU A 6 12.31 2.27 2.68
C GLU A 6 10.97 1.54 2.49
N MET A 7 10.54 0.81 3.48
CA MET A 7 9.25 0.06 3.36
C MET A 7 8.12 1.02 3.00
N ALA A 8 7.77 1.91 3.89
CA ALA A 8 6.66 2.87 3.61
C ALA A 8 6.73 3.37 2.16
N ASP A 9 7.92 3.47 1.61
CA ASP A 9 8.04 3.96 0.21
C ASP A 9 7.44 2.94 -0.75
N THR A 10 8.07 1.80 -0.90
CA THR A 10 7.56 0.76 -1.83
C THR A 10 6.06 0.56 -1.61
N PHE A 11 5.60 0.73 -0.39
CA PHE A 11 4.15 0.53 -0.11
C PHE A 11 3.35 1.70 -0.70
N LEU A 12 3.86 2.89 -0.60
CA LEU A 12 3.13 4.06 -1.16
C LEU A 12 3.08 3.94 -2.68
N ASP A 13 4.08 3.35 -3.27
CA ASP A 13 4.11 3.21 -4.75
C ASP A 13 3.00 2.24 -5.19
N ASN A 14 2.88 1.12 -4.52
CA ASN A 14 1.83 0.14 -4.91
C ASN A 14 0.86 -0.06 -3.73
N MET A 15 0.62 0.97 -2.95
CA MET A 15 -0.31 0.82 -1.81
C MET A 15 -1.58 0.11 -2.27
N ARG A 16 -2.51 0.86 -2.77
CA ARG A 16 -3.79 0.26 -3.25
C ARG A 16 -4.24 -0.84 -2.29
N VAL A 17 -4.28 -0.54 -1.01
CA VAL A 17 -4.72 -1.56 -0.01
C VAL A 17 -4.15 -2.93 -0.39
N GLY A 18 -2.85 -3.05 -0.44
CA GLY A 18 -2.24 -4.36 -0.80
C GLY A 18 -0.78 -4.38 -0.39
N PRO A 19 -0.53 -4.84 0.82
CA PRO A 19 0.84 -4.92 1.38
C PRO A 19 1.58 -6.14 0.81
N ARG A 20 2.63 -6.54 1.45
CA ARG A 20 3.40 -7.72 0.95
C ARG A 20 3.89 -7.43 -0.47
N THR A 21 3.15 -7.83 -1.46
CA THR A 21 3.58 -7.58 -2.87
C THR A 21 4.94 -8.24 -3.12
N TYR A 22 5.61 -7.82 -4.16
CA TYR A 22 6.95 -8.43 -4.47
C TYR A 22 7.35 -8.10 -5.92
N ALA A 23 6.46 -8.21 -6.85
CA ALA A 23 6.82 -7.91 -8.27
C ALA A 23 7.70 -6.65 -8.35
N ASP A 24 7.40 -5.70 -7.53
CA ASP A 24 8.20 -4.44 -7.52
C ASP A 24 9.55 -4.66 -6.82
N VAL A 25 9.53 -5.12 -5.59
CA VAL A 25 10.82 -5.35 -4.88
C VAL A 25 11.78 -6.08 -5.83
N ARG A 26 11.37 -7.20 -6.33
CA ARG A 26 12.23 -7.96 -7.28
C ARG A 26 12.61 -7.06 -8.45
N ASP A 27 11.66 -6.55 -9.23
CA ASP A 27 12.03 -5.64 -10.37
C ASP A 27 13.18 -4.77 -9.92
N GLU A 28 13.27 -4.51 -8.64
CA GLU A 28 14.42 -3.79 -8.11
C GLU A 28 15.57 -4.73 -8.44
N ILE A 29 16.12 -4.54 -9.59
CA ILE A 29 17.16 -5.45 -10.16
C ILE A 29 16.40 -6.45 -11.03
N ASN A 30 15.74 -5.98 -12.09
CA ASN A 30 14.91 -6.87 -12.95
C ASN A 30 14.53 -8.12 -12.19
N LYS A 31 14.05 -7.95 -10.98
CA LYS A 31 13.63 -9.11 -10.12
C LYS A 31 14.68 -9.45 -9.04
N ARG A 32 15.48 -8.52 -8.56
CA ARG A 32 16.47 -8.92 -7.51
C ARG A 32 16.64 -7.77 -6.49
N GLY A 33 15.66 -7.55 -5.66
CA GLY A 33 15.77 -6.46 -4.65
C GLY A 33 16.05 -7.05 -3.27
N ARG A 34 15.34 -6.62 -2.28
CA ARG A 34 15.55 -7.16 -0.90
C ARG A 34 14.60 -6.47 0.07
N MET A 1 14.34 9.12 7.37
CA MET A 1 15.75 8.73 7.70
C MET A 1 15.79 7.25 8.08
N SER A 2 15.13 6.87 9.13
CA SER A 2 15.13 5.44 9.53
C SER A 2 13.79 5.09 10.19
N TRP A 3 12.80 5.92 9.99
CA TRP A 3 11.47 5.64 10.60
C TRP A 3 10.63 4.79 9.63
N ALA A 4 11.17 3.70 9.15
CA ALA A 4 10.40 2.85 8.21
C ALA A 4 10.09 3.64 6.92
N LEU A 5 10.95 4.54 6.54
CA LEU A 5 10.70 5.35 5.31
C LEU A 5 11.06 4.53 4.08
N GLU A 6 12.25 3.99 4.04
CA GLU A 6 12.67 3.19 2.86
C GLU A 6 11.70 2.03 2.64
N MET A 7 11.18 1.46 3.69
CA MET A 7 10.23 0.32 3.53
C MET A 7 8.84 0.86 3.16
N ALA A 8 8.31 1.75 3.94
CA ALA A 8 6.96 2.30 3.64
C ALA A 8 6.90 2.72 2.16
N ASP A 9 7.98 3.21 1.63
CA ASP A 9 7.98 3.62 0.19
C ASP A 9 7.34 2.53 -0.66
N THR A 10 7.75 1.31 -0.49
CA THR A 10 7.17 0.19 -1.29
C THR A 10 5.64 0.30 -1.26
N PHE A 11 5.07 0.44 -0.09
CA PHE A 11 3.58 0.54 0.00
C PHE A 11 3.10 1.76 -0.79
N LEU A 12 3.69 2.90 -0.55
CA LEU A 12 3.27 4.13 -1.28
C LEU A 12 3.50 3.94 -2.78
N ASP A 13 4.22 2.93 -3.18
CA ASP A 13 4.46 2.71 -4.63
C ASP A 13 3.13 2.39 -5.30
N ASN A 14 2.51 1.31 -4.91
CA ASN A 14 1.19 0.93 -5.51
C ASN A 14 0.10 1.05 -4.45
N MET A 15 0.35 0.60 -3.25
CA MET A 15 -0.67 0.67 -2.17
C MET A 15 -2.05 0.27 -2.71
N ARG A 16 -2.10 -0.51 -3.75
CA ARG A 16 -3.41 -0.94 -4.29
C ARG A 16 -3.78 -2.28 -3.67
N VAL A 17 -3.16 -2.61 -2.56
CA VAL A 17 -3.45 -3.90 -1.89
C VAL A 17 -2.99 -3.82 -0.44
N GLY A 18 -1.72 -3.70 -0.24
CA GLY A 18 -1.17 -3.63 1.14
C GLY A 18 -1.76 -2.39 1.85
N PRO A 19 -2.60 -2.63 2.83
CA PRO A 19 -3.25 -1.56 3.60
C PRO A 19 -2.27 -0.97 4.62
N ARG A 20 -2.43 0.28 4.95
CA ARG A 20 -1.51 0.92 5.94
C ARG A 20 -1.69 0.25 7.31
N THR A 21 -2.87 0.28 7.84
CA THR A 21 -3.11 -0.36 9.17
C THR A 21 -4.55 -0.10 9.62
N TYR A 22 -5.26 -1.14 9.99
CA TYR A 22 -6.67 -0.95 10.42
C TYR A 22 -7.31 -2.31 10.69
N ALA A 23 -7.51 -3.09 9.65
CA ALA A 23 -8.14 -4.45 9.76
C ALA A 23 -8.26 -4.89 11.21
N ASP A 24 -7.16 -5.03 11.87
CA ASP A 24 -7.17 -5.46 13.30
C ASP A 24 -8.03 -4.49 14.12
N VAL A 25 -7.57 -3.28 14.30
CA VAL A 25 -8.36 -2.29 15.09
C VAL A 25 -9.83 -2.34 14.69
N ARG A 26 -10.11 -2.23 13.42
CA ARG A 26 -11.52 -2.26 12.95
C ARG A 26 -12.27 -3.42 13.61
N ASP A 27 -11.73 -4.62 13.52
CA ASP A 27 -12.41 -5.78 14.14
C ASP A 27 -12.59 -5.55 15.64
N GLU A 28 -11.63 -4.92 16.27
CA GLU A 28 -11.75 -4.66 17.72
C GLU A 28 -13.00 -3.82 17.99
N ILE A 29 -13.36 -2.97 17.07
CA ILE A 29 -14.58 -2.13 17.29
C ILE A 29 -15.85 -2.97 17.15
N ASN A 30 -15.74 -4.26 17.16
CA ASN A 30 -16.94 -5.14 17.06
C ASN A 30 -17.29 -5.66 18.45
N LYS A 31 -16.42 -6.42 19.05
CA LYS A 31 -16.70 -6.97 20.41
C LYS A 31 -16.43 -5.90 21.48
N ARG A 32 -15.59 -4.94 21.18
CA ARG A 32 -15.30 -3.88 22.20
C ARG A 32 -16.31 -2.73 22.04
N GLY A 33 -17.45 -2.99 21.48
CA GLY A 33 -18.47 -1.92 21.31
C GLY A 33 -17.79 -0.63 20.83
N ARG A 34 -18.38 0.50 21.08
CA ARG A 34 -17.77 1.78 20.63
C ARG A 34 -17.85 1.88 19.11
N MET A 1 21.57 -2.79 10.50
CA MET A 1 21.17 -1.64 9.63
C MET A 1 19.70 -1.30 9.88
N SER A 2 19.42 -0.07 10.19
CA SER A 2 18.00 0.33 10.44
C SER A 2 17.41 0.94 9.18
N TRP A 3 16.14 0.75 8.96
CA TRP A 3 15.49 1.32 7.75
C TRP A 3 14.21 2.07 8.15
N ALA A 4 13.39 2.42 7.21
CA ALA A 4 12.13 3.14 7.56
C ALA A 4 11.50 3.70 6.29
N LEU A 5 12.15 4.63 5.64
CA LEU A 5 11.58 5.22 4.40
C LEU A 5 11.58 4.17 3.28
N GLU A 6 12.61 3.38 3.21
CA GLU A 6 12.68 2.35 2.14
C GLU A 6 11.58 1.31 2.37
N MET A 7 10.99 1.30 3.53
CA MET A 7 9.91 0.32 3.81
C MET A 7 8.55 0.96 3.56
N ALA A 8 8.38 2.20 3.95
CA ALA A 8 7.08 2.89 3.75
C ALA A 8 6.88 3.19 2.26
N ASP A 9 7.79 3.91 1.66
CA ASP A 9 7.65 4.25 0.21
C ASP A 9 7.19 3.00 -0.55
N THR A 10 7.96 1.95 -0.54
CA THR A 10 7.56 0.72 -1.27
C THR A 10 6.07 0.44 -1.03
N PHE A 11 5.63 0.57 0.18
CA PHE A 11 4.18 0.31 0.49
C PHE A 11 3.31 1.26 -0.32
N LEU A 12 3.55 2.54 -0.23
CA LEU A 12 2.73 3.52 -0.98
C LEU A 12 3.07 3.45 -2.47
N ASP A 13 4.03 2.64 -2.84
CA ASP A 13 4.40 2.54 -4.28
C ASP A 13 3.19 2.09 -5.09
N ASN A 14 2.68 0.91 -4.83
CA ASN A 14 1.50 0.42 -5.59
C ASN A 14 0.23 0.91 -4.91
N MET A 15 0.20 0.89 -3.60
CA MET A 15 -1.02 1.34 -2.87
C MET A 15 -2.27 0.80 -3.56
N ARG A 16 -2.43 -0.49 -3.59
CA ARG A 16 -3.63 -1.07 -4.23
C ARG A 16 -4.74 -1.14 -3.17
N VAL A 17 -5.07 -0.03 -2.58
CA VAL A 17 -6.12 -0.01 -1.52
C VAL A 17 -5.93 -1.22 -0.61
N GLY A 18 -4.71 -1.53 -0.27
CA GLY A 18 -4.47 -2.71 0.61
C GLY A 18 -5.09 -3.95 -0.03
N PRO A 19 -4.27 -4.73 -0.70
CA PRO A 19 -4.73 -5.95 -1.38
C PRO A 19 -4.90 -7.09 -0.37
N ARG A 20 -6.12 -7.38 0.00
CA ARG A 20 -6.37 -8.48 0.97
C ARG A 20 -6.93 -9.70 0.23
N THR A 21 -6.72 -9.77 -1.06
CA THR A 21 -7.25 -10.93 -1.83
C THR A 21 -8.75 -10.78 -2.01
N TYR A 22 -9.21 -9.57 -2.19
CA TYR A 22 -10.68 -9.34 -2.38
C TYR A 22 -11.41 -9.60 -1.06
N ALA A 23 -10.69 -9.83 0.00
CA ALA A 23 -11.36 -10.07 1.31
C ALA A 23 -11.85 -8.74 1.87
N ASP A 24 -11.12 -7.71 1.58
CA ASP A 24 -11.51 -6.36 2.06
C ASP A 24 -12.63 -5.83 1.18
N VAL A 25 -12.44 -5.78 -0.11
CA VAL A 25 -13.52 -5.29 -1.01
C VAL A 25 -14.78 -6.12 -0.78
N ARG A 26 -14.62 -7.41 -0.62
CA ARG A 26 -15.80 -8.29 -0.39
C ARG A 26 -16.47 -7.90 0.92
N ASP A 27 -15.70 -7.65 1.95
CA ASP A 27 -16.31 -7.26 3.26
C ASP A 27 -17.08 -5.95 3.09
N GLU A 28 -16.59 -5.06 2.27
CA GLU A 28 -17.31 -3.77 2.07
C GLU A 28 -18.78 -4.05 1.74
N ILE A 29 -19.03 -5.13 1.06
CA ILE A 29 -20.43 -5.49 0.71
C ILE A 29 -21.28 -5.54 1.97
N ASN A 30 -21.08 -6.57 2.71
CA ASN A 30 -21.84 -6.77 3.98
C ASN A 30 -21.80 -5.48 4.81
N LYS A 31 -20.84 -4.62 4.58
CA LYS A 31 -20.76 -3.35 5.37
C LYS A 31 -21.82 -2.36 4.88
N ARG A 32 -22.01 -2.26 3.60
CA ARG A 32 -23.01 -1.31 3.06
C ARG A 32 -24.36 -2.02 2.90
N GLY A 33 -24.95 -1.97 1.74
CA GLY A 33 -26.27 -2.65 1.55
C GLY A 33 -27.37 -1.60 1.39
N ARG A 34 -28.56 -1.89 1.83
CA ARG A 34 -29.67 -0.90 1.70
C ARG A 34 -30.11 -0.45 3.09
N MET A 1 16.22 7.62 6.94
CA MET A 1 16.36 6.16 7.20
C MET A 1 15.63 5.80 8.50
N SER A 2 14.60 6.54 8.83
CA SER A 2 13.85 6.25 10.08
C SER A 2 12.56 5.50 9.72
N TRP A 3 11.61 6.20 9.16
CA TRP A 3 10.33 5.54 8.78
C TRP A 3 9.74 6.27 7.56
N ALA A 4 8.58 5.85 7.09
CA ALA A 4 7.95 6.52 5.91
C ALA A 4 8.57 5.98 4.62
N LEU A 5 9.86 5.83 4.57
CA LEU A 5 10.51 5.31 3.33
C LEU A 5 10.42 3.78 3.32
N GLU A 6 10.50 3.16 4.46
CA GLU A 6 10.41 1.67 4.52
C GLU A 6 8.97 1.22 4.29
N MET A 7 8.02 2.10 4.42
CA MET A 7 6.60 1.71 4.22
C MET A 7 6.15 2.16 2.83
N ALA A 8 6.59 3.32 2.42
CA ALA A 8 6.23 3.90 1.08
C ALA A 8 7.11 3.40 -0.09
N ASP A 9 8.31 2.95 0.13
CA ASP A 9 9.22 2.58 -0.99
C ASP A 9 8.50 1.96 -2.20
N THR A 10 9.13 0.96 -2.78
CA THR A 10 8.66 0.25 -4.03
C THR A 10 7.14 0.17 -4.06
N PHE A 11 6.51 1.26 -4.38
CA PHE A 11 5.03 1.28 -4.38
C PHE A 11 4.57 0.99 -2.98
N LEU A 12 5.48 0.91 -2.06
CA LEU A 12 5.12 0.66 -0.69
C LEU A 12 4.33 1.89 -0.26
N ASP A 13 4.43 2.95 -1.04
CA ASP A 13 3.65 4.19 -0.72
C ASP A 13 2.16 3.92 -0.93
N ASN A 14 1.80 3.36 -2.05
CA ASN A 14 0.36 3.07 -2.31
C ASN A 14 0.17 1.55 -2.42
N MET A 15 0.86 0.80 -1.62
CA MET A 15 0.72 -0.69 -1.69
C MET A 15 1.57 -1.33 -0.57
N ARG A 16 1.02 -1.46 0.60
CA ARG A 16 1.79 -2.08 1.72
C ARG A 16 1.47 -3.57 1.81
N VAL A 17 1.74 -4.31 0.77
CA VAL A 17 1.46 -5.78 0.79
C VAL A 17 -0.04 -6.02 0.87
N GLY A 18 -0.82 -5.19 0.23
CA GLY A 18 -2.30 -5.38 0.25
C GLY A 18 -2.89 -4.74 1.52
N PRO A 19 -4.18 -4.87 1.67
CA PRO A 19 -4.91 -4.31 2.82
C PRO A 19 -4.74 -5.20 4.05
N ARG A 20 -5.54 -4.98 5.07
CA ARG A 20 -5.41 -5.81 6.30
C ARG A 20 -6.80 -6.37 6.68
N THR A 21 -7.83 -5.59 6.46
CA THR A 21 -9.20 -6.07 6.81
C THR A 21 -9.47 -7.43 6.15
N TYR A 22 -9.89 -8.40 6.91
CA TYR A 22 -10.16 -9.74 6.31
C TYR A 22 -11.66 -9.92 6.07
N ALA A 23 -12.48 -9.62 7.05
CA ALA A 23 -13.95 -9.78 6.85
C ALA A 23 -14.43 -8.78 5.80
N ASP A 24 -13.73 -7.69 5.68
CA ASP A 24 -14.12 -6.66 4.68
C ASP A 24 -13.58 -7.06 3.31
N VAL A 25 -12.29 -7.08 3.14
CA VAL A 25 -11.71 -7.46 1.82
C VAL A 25 -12.45 -8.70 1.29
N ARG A 26 -12.64 -9.68 2.12
CA ARG A 26 -13.35 -10.91 1.67
C ARG A 26 -14.82 -10.60 1.41
N ASP A 27 -15.41 -9.73 2.19
CA ASP A 27 -16.85 -9.40 1.97
C ASP A 27 -17.04 -8.75 0.60
N GLU A 28 -16.00 -8.23 0.03
CA GLU A 28 -16.14 -7.59 -1.30
C GLU A 28 -16.48 -8.66 -2.34
N ILE A 29 -15.93 -9.84 -2.19
CA ILE A 29 -16.23 -10.93 -3.18
C ILE A 29 -17.69 -11.38 -3.09
N ASN A 30 -18.50 -10.70 -2.33
CA ASN A 30 -19.93 -11.07 -2.23
C ASN A 30 -20.72 -10.26 -3.25
N LYS A 31 -20.72 -8.96 -3.11
CA LYS A 31 -21.46 -8.11 -4.09
C LYS A 31 -20.51 -7.09 -4.73
N ARG A 32 -19.29 -7.48 -5.00
CA ARG A 32 -18.32 -6.54 -5.64
C ARG A 32 -18.74 -6.28 -7.08
N GLY A 33 -19.68 -5.41 -7.28
CA GLY A 33 -20.15 -5.10 -8.66
C GLY A 33 -19.44 -3.84 -9.17
N ARG A 34 -19.02 -2.99 -8.27
CA ARG A 34 -18.32 -1.74 -8.71
C ARG A 34 -16.99 -1.62 -7.97
N MET A 1 17.06 8.73 2.84
CA MET A 1 16.44 8.42 4.16
C MET A 1 15.15 9.22 4.31
N SER A 2 14.05 8.71 3.82
CA SER A 2 12.77 9.45 3.94
C SER A 2 11.85 8.74 4.92
N TRP A 3 12.40 8.00 5.85
CA TRP A 3 11.56 7.27 6.86
C TRP A 3 10.31 6.70 6.21
N ALA A 4 9.23 7.43 6.21
CA ALA A 4 7.97 6.92 5.61
C ALA A 4 8.23 6.36 4.22
N LEU A 5 8.39 7.22 3.26
CA LEU A 5 8.63 6.76 1.87
C LEU A 5 9.69 5.64 1.84
N GLU A 6 10.65 5.68 2.72
CA GLU A 6 11.72 4.63 2.72
C GLU A 6 11.12 3.23 2.89
N MET A 7 10.34 3.01 3.91
CA MET A 7 9.76 1.66 4.13
C MET A 7 8.48 1.47 3.31
N ALA A 8 7.55 2.37 3.44
CA ALA A 8 6.28 2.22 2.68
C ALA A 8 6.54 2.13 1.18
N ASP A 9 7.55 2.76 0.70
CA ASP A 9 7.81 2.70 -0.77
C ASP A 9 7.77 1.24 -1.26
N THR A 10 8.38 0.34 -0.51
CA THR A 10 8.45 -1.12 -0.90
C THR A 10 7.10 -1.86 -0.74
N PHE A 11 6.02 -1.23 -1.10
CA PHE A 11 4.66 -1.84 -1.02
C PHE A 11 3.69 -0.70 -1.22
N LEU A 12 3.82 0.23 -0.35
CA LEU A 12 2.98 1.45 -0.35
C LEU A 12 3.33 2.36 -1.55
N ASP A 13 4.27 1.96 -2.40
CA ASP A 13 4.66 2.83 -3.55
C ASP A 13 3.42 3.47 -4.18
N ASN A 14 2.51 2.69 -4.73
CA ASN A 14 1.30 3.30 -5.35
C ASN A 14 0.07 2.85 -4.57
N MET A 15 0.18 2.81 -3.27
CA MET A 15 -0.97 2.36 -2.42
C MET A 15 -1.16 3.34 -1.26
N ARG A 16 -1.06 4.62 -1.51
CA ARG A 16 -1.22 5.61 -0.40
C ARG A 16 -2.37 5.20 0.53
N VAL A 17 -3.57 5.20 0.04
CA VAL A 17 -4.72 4.81 0.92
C VAL A 17 -5.36 3.52 0.40
N GLY A 18 -4.59 2.51 0.17
CA GLY A 18 -5.18 1.23 -0.34
C GLY A 18 -5.13 0.16 0.77
N PRO A 19 -6.27 -0.45 1.02
CA PRO A 19 -6.37 -1.51 2.04
C PRO A 19 -5.82 -2.82 1.48
N ARG A 20 -5.89 -3.89 2.23
CA ARG A 20 -5.37 -5.18 1.72
C ARG A 20 -6.37 -6.29 2.00
N THR A 21 -6.55 -6.63 3.25
CA THR A 21 -7.52 -7.70 3.60
C THR A 21 -8.19 -7.37 4.93
N TYR A 22 -9.31 -7.97 5.20
CA TYR A 22 -10.03 -7.67 6.48
C TYR A 22 -10.14 -8.95 7.32
N ALA A 23 -10.79 -9.96 6.81
CA ALA A 23 -10.94 -11.21 7.59
C ALA A 23 -9.61 -11.56 8.26
N ASP A 24 -8.53 -11.14 7.68
CA ASP A 24 -7.19 -11.42 8.24
C ASP A 24 -6.98 -10.61 9.53
N VAL A 25 -6.62 -9.36 9.40
CA VAL A 25 -6.39 -8.53 10.61
C VAL A 25 -7.51 -8.77 11.62
N ARG A 26 -8.73 -8.67 11.19
CA ARG A 26 -9.88 -8.91 12.11
C ARG A 26 -9.67 -10.22 12.88
N ASP A 27 -9.26 -11.25 12.20
CA ASP A 27 -9.04 -12.56 12.89
C ASP A 27 -7.91 -12.42 13.89
N GLU A 28 -6.91 -11.63 13.60
CA GLU A 28 -5.79 -11.47 14.56
C GLU A 28 -6.36 -11.02 15.91
N ILE A 29 -7.38 -10.19 15.88
CA ILE A 29 -7.99 -9.73 17.17
C ILE A 29 -8.96 -10.80 17.70
N ASN A 30 -8.69 -12.03 17.41
CA ASN A 30 -9.55 -13.14 17.89
C ASN A 30 -8.65 -14.21 18.52
N LYS A 31 -7.81 -14.83 17.74
CA LYS A 31 -6.89 -15.85 18.30
C LYS A 31 -5.67 -15.15 18.92
N ARG A 32 -5.43 -13.91 18.59
CA ARG A 32 -4.26 -13.19 19.18
C ARG A 32 -4.71 -12.45 20.43
N GLY A 33 -5.27 -13.15 21.39
CA GLY A 33 -5.72 -12.48 22.63
C GLY A 33 -5.42 -13.37 23.84
N ARG A 34 -5.79 -14.62 23.79
CA ARG A 34 -5.51 -15.53 24.93
C ARG A 34 -4.60 -16.66 24.48
N MET A 1 15.93 7.19 1.73
CA MET A 1 17.21 6.74 2.34
C MET A 1 17.26 7.18 3.81
N SER A 2 16.22 6.94 4.55
CA SER A 2 16.20 7.35 5.98
C SER A 2 15.80 6.16 6.85
N TRP A 3 16.38 5.01 6.61
CA TRP A 3 16.05 3.80 7.42
C TRP A 3 14.56 3.79 7.79
N ALA A 4 13.66 3.85 6.85
CA ALA A 4 12.22 3.84 7.19
C ALA A 4 11.40 4.31 5.98
N LEU A 5 11.55 5.54 5.59
CA LEU A 5 10.78 6.05 4.41
C LEU A 5 10.99 5.11 3.22
N GLU A 6 12.17 4.56 3.10
CA GLU A 6 12.46 3.65 1.95
C GLU A 6 11.55 2.42 2.03
N MET A 7 11.29 1.93 3.22
CA MET A 7 10.42 0.73 3.35
C MET A 7 8.96 1.14 3.20
N ALA A 8 8.47 1.99 4.06
CA ALA A 8 7.05 2.42 3.97
C ALA A 8 6.69 2.75 2.52
N ASP A 9 7.55 3.42 1.82
CA ASP A 9 7.25 3.77 0.40
C ASP A 9 7.04 2.50 -0.43
N THR A 10 7.87 1.50 -0.22
CA THR A 10 7.73 0.24 -1.00
C THR A 10 6.29 -0.25 -0.94
N PHE A 11 5.67 -0.20 0.22
CA PHE A 11 4.27 -0.67 0.34
C PHE A 11 3.31 0.35 -0.26
N LEU A 12 3.52 1.60 0.02
CA LEU A 12 2.61 2.65 -0.53
C LEU A 12 2.86 2.82 -2.03
N ASP A 13 3.83 2.12 -2.57
CA ASP A 13 4.12 2.24 -4.03
C ASP A 13 2.90 1.82 -4.85
N ASN A 14 2.44 0.61 -4.66
CA ASN A 14 1.25 0.14 -5.43
C ASN A 14 0.07 1.08 -5.22
N MET A 15 0.13 1.90 -4.22
CA MET A 15 -0.99 2.85 -3.97
C MET A 15 -0.45 4.25 -3.69
N ARG A 16 0.24 4.82 -4.64
CA ARG A 16 0.80 6.19 -4.45
C ARG A 16 -0.04 7.17 -5.27
N VAL A 17 -1.26 7.39 -4.87
CA VAL A 17 -2.13 8.32 -5.63
C VAL A 17 -1.98 8.04 -7.13
N GLY A 18 -1.78 6.80 -7.47
CA GLY A 18 -1.60 6.43 -8.91
C GLY A 18 -0.43 5.46 -9.04
N PRO A 19 -0.57 4.52 -9.95
CA PRO A 19 0.47 3.51 -10.19
C PRO A 19 1.61 4.10 -11.04
N ARG A 20 2.82 4.03 -10.54
CA ARG A 20 3.97 4.58 -11.30
C ARG A 20 4.12 3.81 -12.61
N THR A 21 3.49 2.68 -12.71
CA THR A 21 3.59 1.87 -13.96
C THR A 21 2.20 1.37 -14.37
N TYR A 22 1.88 1.43 -15.63
CA TYR A 22 0.53 0.94 -16.08
C TYR A 22 0.61 -0.52 -16.43
N ALA A 23 1.54 -0.91 -17.26
CA ALA A 23 1.64 -2.36 -17.59
C ALA A 23 1.52 -3.17 -16.30
N ASP A 24 2.41 -2.85 -15.39
CA ASP A 24 2.49 -3.51 -14.05
C ASP A 24 1.13 -3.55 -13.38
N VAL A 25 0.38 -2.50 -13.39
CA VAL A 25 -0.95 -2.57 -12.72
C VAL A 25 -2.02 -2.94 -13.76
N ARG A 26 -1.66 -3.01 -15.01
CA ARG A 26 -2.65 -3.34 -16.07
C ARG A 26 -3.01 -4.85 -16.07
N ASP A 27 -2.15 -5.76 -16.38
CA ASP A 27 -2.58 -7.31 -16.43
C ASP A 27 -3.52 -7.59 -15.34
N GLU A 28 -3.41 -6.85 -14.28
CA GLU A 28 -4.49 -6.91 -13.33
C GLU A 28 -5.28 -5.93 -14.16
N ILE A 29 -5.82 -6.47 -15.24
CA ILE A 29 -6.36 -5.74 -16.39
C ILE A 29 -5.50 -6.19 -17.61
N ASN A 30 -4.60 -5.41 -18.12
CA ASN A 30 -3.76 -5.89 -19.29
C ASN A 30 -2.22 -5.59 -19.14
N LYS A 31 -1.48 -6.43 -18.41
CA LYS A 31 0.05 -6.31 -18.19
C LYS A 31 0.61 -6.51 -16.70
N ARG A 32 -0.17 -6.44 -15.57
CA ARG A 32 0.41 -6.67 -14.21
C ARG A 32 1.07 -8.06 -14.08
N GLY A 33 1.13 -8.85 -15.11
CA GLY A 33 1.78 -10.18 -14.99
C GLY A 33 0.99 -11.07 -14.02
N ARG A 34 1.62 -11.48 -12.96
CA ARG A 34 0.91 -12.36 -11.97
C ARG A 34 1.17 -11.85 -10.55
N MET A 1 6.82 12.83 -0.04
CA MET A 1 6.29 12.63 1.35
C MET A 1 7.46 12.35 2.30
N SER A 2 7.33 12.72 3.54
CA SER A 2 8.42 12.46 4.52
C SER A 2 7.91 11.57 5.64
N TRP A 3 7.11 10.59 5.32
CA TRP A 3 6.57 9.68 6.36
C TRP A 3 7.17 8.28 6.20
N ALA A 4 8.47 8.13 6.27
CA ALA A 4 9.07 6.78 6.10
C ALA A 4 8.65 6.19 4.75
N LEU A 5 8.49 7.02 3.76
CA LEU A 5 8.07 6.49 2.42
C LEU A 5 9.23 5.69 1.82
N GLU A 6 10.43 5.92 2.25
CA GLU A 6 11.58 5.15 1.70
C GLU A 6 11.37 3.67 2.00
N MET A 7 11.18 3.33 3.25
CA MET A 7 10.95 1.89 3.61
C MET A 7 9.52 1.52 3.21
N ALA A 8 8.57 2.27 3.69
CA ALA A 8 7.14 2.01 3.35
C ALA A 8 6.99 1.73 1.85
N ASP A 9 7.88 2.27 1.05
CA ASP A 9 7.79 2.07 -0.42
C ASP A 9 7.34 0.64 -0.74
N THR A 10 7.76 -0.32 0.06
CA THR A 10 7.35 -1.75 -0.15
C THR A 10 5.90 -1.94 0.32
N PHE A 11 4.99 -1.19 -0.23
CA PHE A 11 3.57 -1.27 0.18
C PHE A 11 2.91 0.00 -0.33
N LEU A 12 3.29 1.12 0.24
CA LEU A 12 2.74 2.43 -0.21
C LEU A 12 3.40 2.83 -1.54
N ASP A 13 4.19 1.97 -2.13
CA ASP A 13 4.88 2.33 -3.41
C ASP A 13 3.94 3.09 -4.34
N ASN A 14 2.89 2.48 -4.80
CA ASN A 14 1.96 3.20 -5.72
C ASN A 14 0.50 2.97 -5.32
N MET A 15 0.25 2.37 -4.18
CA MET A 15 -1.15 2.13 -3.76
C MET A 15 -1.79 3.44 -3.33
N ARG A 16 -1.01 4.46 -3.17
CA ARG A 16 -1.56 5.79 -2.76
C ARG A 16 -2.66 5.58 -1.71
N VAL A 17 -2.35 4.91 -0.64
CA VAL A 17 -3.38 4.66 0.41
C VAL A 17 -4.45 3.74 -0.16
N GLY A 18 -4.06 2.81 -1.00
CA GLY A 18 -5.06 1.88 -1.60
C GLY A 18 -5.74 1.07 -0.49
N PRO A 19 -5.03 0.10 0.01
CA PRO A 19 -5.54 -0.78 1.08
C PRO A 19 -5.49 -0.09 2.44
N ARG A 20 -6.50 -0.29 3.24
CA ARG A 20 -6.53 0.36 4.59
C ARG A 20 -6.70 -0.73 5.65
N THR A 21 -7.74 -1.50 5.55
CA THR A 21 -7.98 -2.59 6.55
C THR A 21 -9.32 -3.26 6.26
N TYR A 22 -9.69 -3.35 5.00
CA TYR A 22 -10.99 -3.97 4.65
C TYR A 22 -10.79 -5.45 4.26
N ALA A 23 -9.60 -5.85 3.92
CA ALA A 23 -9.39 -7.27 3.55
C ALA A 23 -9.92 -8.17 4.68
N ASP A 24 -9.84 -7.68 5.87
CA ASP A 24 -10.30 -8.47 7.05
C ASP A 24 -11.84 -8.37 7.18
N VAL A 25 -12.33 -7.24 7.62
CA VAL A 25 -13.80 -7.07 7.79
C VAL A 25 -14.54 -7.80 6.66
N ARG A 26 -14.11 -7.59 5.45
CA ARG A 26 -14.77 -8.27 4.29
C ARG A 26 -14.54 -9.77 4.37
N ASP A 27 -13.31 -10.24 4.53
CA ASP A 27 -13.12 -11.74 4.64
C ASP A 27 -14.26 -12.29 5.46
N GLU A 28 -14.79 -11.48 6.33
CA GLU A 28 -15.98 -11.88 7.07
C GLU A 28 -17.02 -12.06 5.98
N ILE A 29 -17.07 -13.25 5.45
CA ILE A 29 -17.94 -13.57 4.28
C ILE A 29 -17.05 -13.42 3.05
N ASN A 30 -16.02 -14.26 2.91
CA ASN A 30 -15.07 -14.15 1.78
C ASN A 30 -15.12 -12.75 1.20
N LYS A 31 -15.05 -11.76 2.05
CA LYS A 31 -15.08 -10.32 1.62
C LYS A 31 -16.50 -9.70 1.75
N ARG A 32 -17.32 -10.09 2.71
CA ARG A 32 -18.67 -9.43 2.78
C ARG A 32 -19.15 -9.38 4.23
N GLY A 33 -18.54 -8.55 5.04
CA GLY A 33 -18.99 -8.44 6.47
C GLY A 33 -20.15 -7.46 6.55
N ARG A 34 -21.35 -7.95 6.74
CA ARG A 34 -22.53 -7.02 6.83
C ARG A 34 -22.36 -6.10 8.04
N MET A 1 9.98 -8.11 7.39
CA MET A 1 10.40 -6.77 7.89
C MET A 1 11.67 -6.33 7.15
N SER A 2 11.60 -5.23 6.46
CA SER A 2 12.79 -4.74 5.71
C SER A 2 13.35 -3.50 6.39
N TRP A 3 12.68 -2.38 6.25
CA TRP A 3 13.18 -1.14 6.90
C TRP A 3 11.99 -0.28 7.33
N ALA A 4 12.23 0.97 7.66
CA ALA A 4 11.11 1.86 8.08
C ALA A 4 10.69 2.72 6.89
N LEU A 5 11.37 3.80 6.65
CA LEU A 5 11.01 4.67 5.50
C LEU A 5 11.14 3.87 4.21
N GLU A 6 12.06 2.94 4.17
CA GLU A 6 12.23 2.12 2.93
C GLU A 6 10.92 1.38 2.62
N MET A 7 10.35 0.74 3.61
CA MET A 7 9.08 0.00 3.38
C MET A 7 7.96 1.00 3.05
N ALA A 8 7.86 2.06 3.81
CA ALA A 8 6.80 3.06 3.54
C ALA A 8 6.88 3.52 2.08
N ASP A 9 8.05 3.53 1.51
CA ASP A 9 8.19 3.97 0.10
C ASP A 9 7.53 2.94 -0.83
N THR A 10 8.18 1.82 -1.04
CA THR A 10 7.60 0.79 -1.94
C THR A 10 6.11 0.63 -1.64
N PHE A 11 5.70 0.92 -0.43
CA PHE A 11 4.27 0.78 -0.06
C PHE A 11 3.45 1.87 -0.77
N LEU A 12 3.87 3.10 -0.65
CA LEU A 12 3.12 4.20 -1.30
C LEU A 12 3.22 4.04 -2.82
N ASP A 13 4.13 3.23 -3.28
CA ASP A 13 4.26 3.03 -4.75
C ASP A 13 2.97 2.40 -5.27
N ASN A 14 2.57 1.32 -4.67
CA ASN A 14 1.31 0.63 -5.11
C ASN A 14 0.30 0.63 -3.95
N MET A 15 0.74 0.30 -2.76
CA MET A 15 -0.19 0.27 -1.60
C MET A 15 -1.18 -0.89 -1.75
N ARG A 16 -0.97 -1.73 -2.73
CA ARG A 16 -1.86 -2.91 -2.95
C ARG A 16 -3.31 -2.54 -2.60
N VAL A 17 -3.68 -1.30 -2.80
CA VAL A 17 -5.07 -0.86 -2.49
C VAL A 17 -5.10 0.66 -2.30
N GLY A 18 -4.15 1.21 -1.61
CA GLY A 18 -4.16 2.68 -1.39
C GLY A 18 -5.36 3.07 -0.53
N PRO A 19 -5.65 4.34 -0.50
CA PRO A 19 -6.79 4.88 0.28
C PRO A 19 -8.11 4.66 -0.47
N ARG A 20 -9.20 5.12 0.08
CA ARG A 20 -10.51 4.93 -0.60
C ARG A 20 -10.72 6.06 -1.62
N THR A 21 -10.99 7.26 -1.14
CA THR A 21 -11.19 8.39 -2.08
C THR A 21 -10.08 9.43 -1.86
N TYR A 22 -10.39 10.69 -1.96
CA TYR A 22 -9.31 11.72 -1.75
C TYR A 22 -9.87 13.12 -1.98
N ALA A 23 -10.54 13.36 -3.08
CA ALA A 23 -11.08 14.73 -3.33
C ALA A 23 -12.13 15.06 -2.28
N ASP A 24 -13.06 14.18 -2.08
CA ASP A 24 -14.12 14.42 -1.07
C ASP A 24 -13.55 14.28 0.33
N VAL A 25 -13.00 13.13 0.65
CA VAL A 25 -12.43 12.93 2.01
C VAL A 25 -11.53 14.11 2.40
N ARG A 26 -10.78 14.62 1.46
CA ARG A 26 -9.89 15.76 1.76
C ARG A 26 -10.71 17.04 1.96
N ASP A 27 -11.65 17.29 1.10
CA ASP A 27 -12.48 18.52 1.24
C ASP A 27 -13.32 18.43 2.52
N GLU A 28 -13.46 17.27 3.07
CA GLU A 28 -14.27 17.13 4.32
C GLU A 28 -13.47 17.75 5.46
N ILE A 29 -12.17 17.67 5.42
CA ILE A 29 -11.36 18.28 6.51
C ILE A 29 -11.30 19.80 6.35
N ASN A 30 -12.21 20.36 5.61
CA ASN A 30 -12.25 21.84 5.42
C ASN A 30 -13.41 22.41 6.24
N LYS A 31 -14.62 22.06 5.90
CA LYS A 31 -15.78 22.59 6.67
C LYS A 31 -16.38 21.50 7.56
N ARG A 32 -15.71 20.38 7.71
CA ARG A 32 -16.27 19.29 8.57
C ARG A 32 -15.55 19.30 9.92
N GLY A 33 -15.85 20.24 10.76
CA GLY A 33 -15.18 20.29 12.10
C GLY A 33 -13.67 20.42 11.90
N ARG A 34 -12.93 19.39 12.18
CA ARG A 34 -11.45 19.46 12.02
C ARG A 34 -11.12 19.90 10.59
N MET A 1 7.81 7.19 -5.33
CA MET A 1 8.24 8.44 -6.00
C MET A 1 9.48 9.00 -5.31
N SER A 2 10.10 8.23 -4.46
CA SER A 2 11.31 8.72 -3.75
C SER A 2 12.38 7.63 -3.73
N TRP A 3 12.22 6.63 -2.89
CA TRP A 3 13.23 5.52 -2.83
C TRP A 3 12.87 4.54 -1.70
N ALA A 4 13.25 4.83 -0.48
CA ALA A 4 12.96 3.89 0.65
C ALA A 4 11.72 4.29 1.44
N LEU A 5 11.54 5.55 1.83
CA LEU A 5 10.34 5.85 2.70
C LEU A 5 10.36 4.74 3.71
N GLU A 6 11.56 4.36 4.07
CA GLU A 6 11.82 3.24 4.99
C GLU A 6 11.18 1.97 4.47
N MET A 7 11.46 1.63 3.23
CA MET A 7 10.83 0.45 2.63
C MET A 7 9.31 0.71 2.56
N ALA A 8 8.86 1.77 3.19
CA ALA A 8 7.43 2.15 3.11
C ALA A 8 7.25 2.61 1.68
N ASP A 9 8.27 3.25 1.20
CA ASP A 9 8.26 3.73 -0.22
C ASP A 9 7.56 2.69 -1.11
N THR A 10 7.98 1.46 -1.04
CA THR A 10 7.34 0.39 -1.89
C THR A 10 5.85 0.33 -1.59
N PHE A 11 5.47 0.15 -0.36
CA PHE A 11 4.02 0.06 -0.01
C PHE A 11 3.26 1.25 -0.61
N LEU A 12 3.59 2.44 -0.19
CA LEU A 12 2.88 3.65 -0.72
C LEU A 12 2.72 3.56 -2.23
N ASP A 13 3.74 3.20 -2.94
CA ASP A 13 3.63 3.12 -4.44
C ASP A 13 2.66 2.00 -4.84
N ASN A 14 2.63 0.92 -4.10
CA ASN A 14 1.71 -0.20 -4.45
C ASN A 14 0.30 0.10 -3.95
N MET A 15 0.07 1.26 -3.42
CA MET A 15 -1.30 1.60 -2.93
C MET A 15 -2.01 2.49 -3.95
N ARG A 16 -2.16 2.01 -5.15
CA ARG A 16 -2.84 2.83 -6.19
C ARG A 16 -4.35 2.56 -6.14
N VAL A 17 -4.73 1.47 -5.53
CA VAL A 17 -6.17 1.13 -5.43
C VAL A 17 -6.64 1.27 -3.98
N GLY A 18 -5.91 1.99 -3.17
CA GLY A 18 -6.33 2.15 -1.76
C GLY A 18 -7.45 3.19 -1.67
N PRO A 19 -7.69 3.67 -0.47
CA PRO A 19 -8.72 4.68 -0.21
C PRO A 19 -8.24 6.07 -0.62
N ARG A 20 -6.98 6.37 -0.39
CA ARG A 20 -6.45 7.71 -0.77
C ARG A 20 -4.94 7.74 -0.55
N THR A 21 -4.49 7.29 0.60
CA THR A 21 -3.03 7.28 0.89
C THR A 21 -2.39 8.57 0.35
N TYR A 22 -2.29 9.58 1.17
CA TYR A 22 -1.68 10.86 0.70
C TYR A 22 -1.89 11.98 1.72
N ALA A 23 -3.08 12.11 2.27
CA ALA A 23 -3.32 13.21 3.25
C ALA A 23 -2.30 13.14 4.39
N ASP A 24 -2.01 11.97 4.84
CA ASP A 24 -1.03 11.82 5.97
C ASP A 24 0.39 12.08 5.48
N VAL A 25 0.94 11.20 4.70
CA VAL A 25 2.34 11.39 4.21
C VAL A 25 2.56 12.85 3.81
N ARG A 26 1.63 13.43 3.12
CA ARG A 26 1.77 14.86 2.69
C ARG A 26 1.69 15.77 3.93
N ASP A 27 0.82 15.47 4.86
CA ASP A 27 0.70 16.33 6.06
C ASP A 27 2.02 16.31 6.84
N GLU A 28 2.85 15.33 6.60
CA GLU A 28 4.13 15.27 7.34
C GLU A 28 5.01 16.45 6.92
N ILE A 29 4.85 16.92 5.71
CA ILE A 29 5.66 18.08 5.25
C ILE A 29 5.30 19.38 6.00
N ASN A 30 4.46 19.29 6.98
CA ASN A 30 4.10 20.51 7.76
C ASN A 30 5.03 20.62 8.97
N LYS A 31 5.00 19.65 9.85
CA LYS A 31 5.88 19.69 11.05
C LYS A 31 7.32 19.37 10.64
N ARG A 32 7.52 18.69 9.54
CA ARG A 32 8.92 18.37 9.11
C ARG A 32 9.46 19.49 8.23
N GLY A 33 8.97 20.69 8.39
CA GLY A 33 9.46 21.82 7.57
C GLY A 33 9.72 23.03 8.46
N ARG A 34 8.90 24.05 8.34
CA ARG A 34 9.09 25.26 9.19
C ARG A 34 8.14 26.35 8.72
#